data_4R6O
#
_entry.id   4R6O
#
_cell.length_a   58.590
_cell.length_b   82.180
_cell.length_c   63.310
_cell.angle_alpha   90.00
_cell.angle_beta   106.76
_cell.angle_gamma   90.00
#
_symmetry.space_group_name_H-M   'P 1 21 1'
#
loop_
_entity.id
_entity.type
_entity.pdbx_description
1 polymer 'Agglutinin alpha chain'
2 polymer 'Agglutinin beta-3 chain'
3 non-polymer 4-METHYL-2H-CHROMEN-2-ONE
4 non-polymer alpha-D-galactopyranose
5 non-polymer 'ISOPROPYL ALCOHOL'
6 non-polymer 1,2-ETHANEDIOL
7 water water
#
loop_
_entity_poly.entity_id
_entity_poly.type
_entity_poly.pdbx_seq_one_letter_code
_entity_poly.pdbx_strand_id
1 'polypeptide(L)'
;GKAFDDGAFTGIREINLSYNKETAIGDFQVVYDLNGSPYVGQNHKSFITGFTPVKISLDFPSEYIMEVSGYTGNVSGYVV
VRSLTFKTNKKTYGPYGVTSGTPFNLPIENGLIVGFKGSIGYWLDYFSMYLSL
;
A,C,E,G
2 'polypeptide(L)' EQSGISQTVIVGPWGAKVS B,D,F,H
#
# COMPACT_ATOMS: atom_id res chain seq x y z
N GLY A 1 19.72 -11.09 -23.01
CA GLY A 1 19.36 -12.43 -22.39
C GLY A 1 17.85 -12.63 -22.31
N LYS A 2 17.44 -13.66 -21.56
CA LYS A 2 16.01 -13.95 -21.41
C LYS A 2 15.36 -13.21 -20.21
N ALA A 3 14.33 -12.41 -20.50
CA ALA A 3 13.58 -11.64 -19.45
C ALA A 3 12.84 -12.62 -18.56
N PHE A 4 12.73 -12.28 -17.27
CA PHE A 4 11.88 -13.03 -16.35
C PHE A 4 11.19 -12.06 -15.41
N ASP A 5 10.08 -12.48 -14.83
CA ASP A 5 9.32 -11.58 -13.94
C ASP A 5 8.52 -12.51 -13.02
N ASP A 6 9.00 -12.71 -11.79
CA ASP A 6 8.36 -13.66 -10.88
C ASP A 6 7.01 -13.10 -10.47
N GLY A 7 6.90 -11.75 -10.35
CA GLY A 7 5.68 -11.06 -9.79
C GLY A 7 5.90 -10.81 -8.29
N ALA A 8 4.82 -10.55 -7.57
CA ALA A 8 4.90 -10.17 -6.17
C ALA A 8 4.24 -11.27 -5.34
N PHE A 9 4.79 -11.44 -4.14
CA PHE A 9 4.37 -12.49 -3.20
C PHE A 9 4.27 -11.90 -1.79
N THR A 10 4.23 -12.79 -0.78
CA THR A 10 4.07 -12.33 0.59
C THR A 10 5.40 -12.16 1.32
N GLY A 11 6.47 -12.73 0.81
CA GLY A 11 7.76 -12.69 1.48
C GLY A 11 8.73 -13.60 0.77
N ILE A 12 9.90 -13.78 1.37
CA ILE A 12 10.95 -14.64 0.77
C ILE A 12 11.40 -15.67 1.79
N ARG A 13 11.43 -16.95 1.35
CA ARG A 13 11.94 -18.03 2.15
C ARG A 13 13.37 -18.47 1.85
N GLU A 14 13.72 -18.49 0.55
CA GLU A 14 15.05 -18.95 0.10
C GLU A 14 15.41 -18.33 -1.21
N ILE A 15 16.73 -18.13 -1.41
CA ILE A 15 17.21 -17.69 -2.70
C ILE A 15 18.30 -18.69 -3.12
N ASN A 16 18.17 -19.22 -4.31
CA ASN A 16 19.16 -20.17 -4.86
C ASN A 16 19.79 -19.49 -6.07
N LEU A 17 21.07 -19.14 -5.94
CA LEU A 17 21.74 -18.50 -7.05
C LEU A 17 23.05 -19.21 -7.37
N SER A 18 23.60 -18.84 -8.51
CA SER A 18 24.95 -19.37 -8.76
C SER A 18 25.82 -18.18 -9.23
N TYR A 19 27.14 -18.35 -9.07
CA TYR A 19 28.03 -17.30 -9.49
C TYR A 19 29.38 -17.94 -9.81
N ASN A 20 30.16 -17.14 -10.46
CA ASN A 20 31.56 -17.51 -10.80
C ASN A 20 32.54 -16.46 -10.17
N LYS A 21 33.54 -16.95 -9.42
CA LYS A 21 34.49 -16.12 -8.62
C LYS A 21 35.32 -15.25 -9.58
N GLU A 22 35.34 -15.61 -10.85
CA GLU A 22 36.06 -14.82 -11.83
C GLU A 22 35.19 -14.01 -12.77
N THR A 23 33.85 -14.20 -12.80
CA THR A 23 32.97 -13.42 -13.76
C THR A 23 31.79 -12.60 -13.11
N ALA A 24 30.54 -13.11 -13.23
CA ALA A 24 29.35 -12.46 -12.68
C ALA A 24 28.37 -13.49 -12.00
N ILE A 25 27.14 -13.03 -11.72
CA ILE A 25 26.06 -13.91 -11.20
C ILE A 25 25.51 -14.62 -12.47
N GLY A 26 25.11 -15.87 -12.29
CA GLY A 26 24.49 -16.69 -13.37
C GLY A 26 23.05 -16.96 -13.06
N ASP A 27 22.82 -18.14 -12.47
CA ASP A 27 21.40 -18.60 -12.32
C ASP A 27 20.79 -17.83 -11.14
N PHE A 28 19.46 -17.64 -11.18
CA PHE A 28 18.77 -17.03 -10.00
C PHE A 28 17.39 -17.68 -9.85
N GLN A 29 17.05 -18.05 -8.62
CA GLN A 29 15.75 -18.71 -8.34
C GLN A 29 15.35 -18.34 -6.92
N VAL A 30 14.04 -18.20 -6.65
CA VAL A 30 13.59 -17.79 -5.33
C VAL A 30 12.41 -18.65 -4.91
N VAL A 31 12.49 -19.14 -3.69
CA VAL A 31 11.32 -19.71 -3.04
C VAL A 31 10.71 -18.56 -2.23
N TYR A 32 9.54 -18.10 -2.65
CA TYR A 32 8.79 -17.06 -1.94
C TYR A 32 7.91 -17.67 -0.86
N ASP A 33 7.39 -16.80 -0.01
CA ASP A 33 6.17 -17.17 0.74
C ASP A 33 4.98 -16.65 0.01
N LEU A 34 3.91 -17.45 -0.06
CA LEU A 34 2.61 -17.02 -0.62
C LEU A 34 1.58 -17.38 0.42
N ASN A 35 1.16 -16.34 1.15
CA ASN A 35 0.16 -16.56 2.22
C ASN A 35 0.42 -17.76 3.15
N GLY A 36 1.68 -17.97 3.51
CA GLY A 36 2.08 -19.04 4.49
C GLY A 36 2.60 -20.35 3.86
N SER A 37 2.48 -20.46 2.54
CA SER A 37 3.01 -21.63 1.81
C SER A 37 4.23 -21.27 0.97
N PRO A 38 5.23 -22.16 0.92
CA PRO A 38 6.34 -21.88 -0.01
C PRO A 38 5.82 -21.84 -1.41
N TYR A 39 6.31 -20.89 -2.19
CA TYR A 39 6.01 -20.84 -3.58
C TYR A 39 7.34 -20.98 -4.30
N VAL A 40 7.48 -22.11 -4.99
CA VAL A 40 8.77 -22.38 -5.68
C VAL A 40 8.81 -21.62 -6.97
N GLY A 41 9.60 -20.54 -7.01
CA GLY A 41 9.78 -19.77 -8.23
C GLY A 41 10.48 -20.60 -9.34
N GLN A 42 10.28 -20.20 -10.59
CA GLN A 42 10.98 -20.85 -11.70
C GLN A 42 12.49 -20.64 -11.51
N ASN A 43 13.30 -21.62 -11.86
CA ASN A 43 14.74 -21.40 -11.92
C ASN A 43 15.10 -20.65 -13.22
N HIS A 44 15.71 -19.46 -13.10
CA HIS A 44 16.13 -18.64 -14.22
C HIS A 44 17.56 -18.96 -14.45
N LYS A 45 17.82 -19.62 -15.58
CA LYS A 45 19.10 -20.29 -15.77
C LYS A 45 20.00 -19.53 -16.70
N SER A 46 21.27 -19.46 -16.37
CA SER A 46 22.26 -18.93 -17.31
C SER A 46 22.23 -19.79 -18.58
N PHE A 47 22.56 -19.17 -19.69
CA PHE A 47 22.84 -19.85 -20.98
C PHE A 47 24.10 -20.75 -20.94
N ILE A 48 24.96 -20.61 -19.94
CA ILE A 48 26.18 -21.37 -19.78
C ILE A 48 26.25 -22.07 -18.44
N THR A 49 27.18 -23.01 -18.32
CA THR A 49 27.45 -23.73 -17.08
C THR A 49 28.77 -23.31 -16.45
N GLY A 50 29.19 -23.95 -15.36
CA GLY A 50 30.50 -23.65 -14.72
C GLY A 50 30.42 -22.73 -13.50
N PHE A 51 29.20 -22.48 -13.03
CA PHE A 51 29.01 -21.70 -11.79
C PHE A 51 29.01 -22.50 -10.50
N THR A 52 29.18 -21.81 -9.35
CA THR A 52 29.10 -22.41 -8.06
C THR A 52 27.72 -22.06 -7.52
N PRO A 53 26.97 -23.06 -7.07
CA PRO A 53 25.65 -22.68 -6.54
C PRO A 53 25.77 -22.21 -5.08
N VAL A 54 24.75 -21.47 -4.61
CA VAL A 54 24.65 -21.07 -3.20
C VAL A 54 23.18 -21.10 -2.82
N LYS A 55 22.92 -21.60 -1.64
CA LYS A 55 21.56 -21.65 -1.12
C LYS A 55 21.53 -20.71 0.08
N ILE A 56 20.67 -19.69 0.02
CA ILE A 56 20.45 -18.71 1.09
C ILE A 56 19.09 -19.07 1.64
N SER A 57 19.09 -19.80 2.75
CA SER A 57 17.87 -20.24 3.36
C SER A 57 17.55 -19.35 4.53
N LEU A 58 16.48 -18.55 4.39
CA LEU A 58 16.17 -17.60 5.50
C LEU A 58 15.27 -18.22 6.55
N ASP A 59 15.45 -17.79 7.81
CA ASP A 59 14.52 -18.23 8.87
C ASP A 59 13.22 -17.39 8.76
N PHE A 60 12.43 -17.61 7.71
CA PHE A 60 11.12 -16.92 7.52
C PHE A 60 10.11 -17.35 8.59
N PRO A 61 9.34 -16.42 9.19
CA PRO A 61 9.22 -14.98 8.87
C PRO A 61 10.02 -14.03 9.77
N SER A 62 10.79 -14.58 10.72
CA SER A 62 11.50 -13.75 11.63
C SER A 62 12.74 -13.10 10.98
N GLU A 63 13.29 -13.76 9.94
CA GLU A 63 14.47 -13.24 9.25
C GLU A 63 14.02 -12.70 7.89
N TYR A 64 14.49 -11.50 7.54
CA TYR A 64 14.12 -10.91 6.27
C TYR A 64 15.24 -9.98 5.79
N ILE A 65 15.33 -9.82 4.48
CA ILE A 65 16.33 -8.97 3.83
C ILE A 65 16.11 -7.47 4.13
N MET A 66 17.17 -6.82 4.61
CA MET A 66 17.20 -5.39 4.89
C MET A 66 18.01 -4.59 3.87
N GLU A 67 18.91 -5.27 3.14
CA GLU A 67 19.67 -4.54 2.11
C GLU A 67 20.13 -5.53 1.06
N VAL A 68 19.96 -5.14 -0.18
CA VAL A 68 20.53 -5.85 -1.34
C VAL A 68 21.57 -4.88 -1.87
N SER A 69 22.81 -5.34 -2.02
CA SER A 69 23.79 -4.50 -2.75
C SER A 69 24.63 -5.33 -3.70
N GLY A 70 25.47 -4.63 -4.45
CA GLY A 70 26.35 -5.38 -5.37
C GLY A 70 27.07 -4.47 -6.31
N TYR A 71 27.44 -4.99 -7.48
CA TYR A 71 28.27 -4.27 -8.45
C TYR A 71 27.76 -4.59 -9.85
N THR A 72 27.71 -3.63 -10.74
CA THR A 72 27.44 -3.95 -12.15
C THR A 72 28.77 -3.66 -12.87
N GLY A 73 29.06 -4.40 -13.93
CA GLY A 73 30.34 -4.11 -14.61
C GLY A 73 30.35 -4.87 -15.92
N ASN A 74 31.45 -4.73 -16.66
CA ASN A 74 31.64 -5.42 -17.96
C ASN A 74 32.13 -6.86 -17.81
N VAL A 75 31.44 -7.79 -18.50
CA VAL A 75 31.95 -9.16 -18.65
C VAL A 75 31.70 -9.48 -20.11
N SER A 76 32.79 -9.88 -20.81
CA SER A 76 32.76 -10.09 -22.26
C SER A 76 32.10 -8.95 -23.01
N GLY A 77 32.25 -7.72 -22.52
CA GLY A 77 31.65 -6.59 -23.25
C GLY A 77 30.19 -6.25 -22.91
N TYR A 78 29.61 -7.00 -21.96
CA TYR A 78 28.22 -6.82 -21.58
C TYR A 78 28.20 -6.24 -20.16
N VAL A 79 27.31 -5.26 -19.95
CA VAL A 79 27.02 -4.75 -18.58
C VAL A 79 26.14 -5.77 -17.90
N VAL A 80 26.66 -6.34 -16.82
CA VAL A 80 25.98 -7.45 -16.07
C VAL A 80 25.99 -7.16 -14.60
N VAL A 81 25.21 -7.91 -13.86
CA VAL A 81 25.31 -7.89 -12.40
C VAL A 81 26.50 -8.78 -12.00
N ARG A 82 27.62 -8.12 -11.68
CA ARG A 82 28.81 -8.85 -11.29
C ARG A 82 28.85 -9.49 -9.88
N SER A 83 28.10 -8.91 -8.87
CA SER A 83 28.18 -9.43 -7.54
C SER A 83 26.85 -9.05 -6.85
N LEU A 84 26.50 -9.82 -5.82
CA LEU A 84 25.33 -9.57 -4.95
C LEU A 84 25.69 -9.94 -3.56
N THR A 85 25.14 -9.16 -2.59
CA THR A 85 25.20 -9.43 -1.17
C THR A 85 23.77 -9.13 -0.66
N PHE A 86 23.31 -10.01 0.23
CA PHE A 86 21.97 -9.91 0.87
C PHE A 86 22.26 -9.78 2.36
N LYS A 87 21.83 -8.68 3.01
CA LYS A 87 21.98 -8.55 4.45
C LYS A 87 20.57 -8.68 5.02
N THR A 88 20.42 -9.53 6.04
CA THR A 88 19.11 -9.63 6.67
C THR A 88 19.33 -9.06 8.06
N ASN A 89 18.25 -9.12 8.84
CA ASN A 89 18.28 -8.65 10.23
C ASN A 89 19.10 -9.61 11.07
N LYS A 90 19.50 -10.74 10.49
CA LYS A 90 20.23 -11.74 11.24
C LYS A 90 21.68 -11.92 10.80
N LYS A 91 21.95 -11.77 9.51
CA LYS A 91 23.30 -12.02 9.02
C LYS A 91 23.47 -11.56 7.61
N THR A 92 24.71 -11.63 7.11
CA THR A 92 25.02 -11.19 5.76
C THR A 92 25.39 -12.40 4.93
N TYR A 93 24.83 -12.42 3.72
CA TYR A 93 25.08 -13.51 2.76
C TYR A 93 25.76 -12.87 1.58
N GLY A 94 27.05 -13.20 1.37
CA GLY A 94 27.75 -12.68 0.20
C GLY A 94 28.95 -11.88 0.71
N PRO A 95 29.68 -11.21 -0.17
CA PRO A 95 29.41 -11.03 -1.59
C PRO A 95 29.59 -12.31 -2.37
N TYR A 96 28.75 -12.46 -3.37
CA TYR A 96 28.89 -13.57 -4.33
C TYR A 96 29.23 -12.93 -5.65
N GLY A 97 30.34 -13.35 -6.28
CA GLY A 97 30.60 -12.84 -7.62
C GLY A 97 31.89 -12.03 -7.62
N VAL A 98 31.94 -11.04 -8.46
CA VAL A 98 33.15 -10.21 -8.47
C VAL A 98 32.83 -8.80 -7.99
N THR A 99 33.53 -8.39 -6.92
CA THR A 99 33.22 -7.09 -6.30
C THR A 99 33.95 -5.92 -7.03
N SER A 100 33.57 -5.71 -8.29
CA SER A 100 34.21 -4.76 -9.21
C SER A 100 33.26 -4.09 -10.13
N GLY A 101 33.55 -2.85 -10.45
CA GLY A 101 32.78 -2.03 -11.38
C GLY A 101 32.04 -0.95 -10.57
N THR A 102 30.77 -0.70 -10.90
CA THR A 102 29.96 0.33 -10.27
C THR A 102 29.07 -0.23 -9.20
N PRO A 103 29.24 0.24 -7.96
CA PRO A 103 28.45 -0.29 -6.83
C PRO A 103 27.04 0.19 -6.92
N PHE A 104 26.16 -0.58 -6.28
CA PHE A 104 24.76 -0.11 -6.10
C PHE A 104 24.31 -0.73 -4.80
N ASN A 105 23.30 -0.10 -4.20
CA ASN A 105 22.76 -0.66 -2.97
C ASN A 105 21.31 -0.17 -2.76
N LEU A 106 20.48 -1.09 -2.27
CA LEU A 106 19.06 -0.80 -1.88
C LEU A 106 18.88 -1.20 -0.45
N PRO A 107 19.17 -0.25 0.46
CA PRO A 107 18.86 -0.53 1.84
C PRO A 107 17.37 -0.20 2.06
N ILE A 108 16.75 -0.93 2.97
CA ILE A 108 15.30 -0.76 3.26
C ILE A 108 15.16 -0.37 4.73
N GLU A 109 14.54 0.79 4.94
CA GLU A 109 14.28 1.21 6.35
C GLU A 109 12.94 0.65 6.81
N ASN A 110 11.99 0.53 5.91
CA ASN A 110 10.69 -0.02 6.27
C ASN A 110 10.10 -0.67 5.04
N GLY A 111 9.69 -1.95 5.19
CA GLY A 111 9.08 -2.68 4.04
C GLY A 111 9.88 -3.89 3.74
N LEU A 112 9.42 -4.58 2.69
CA LEU A 112 9.89 -5.88 2.37
C LEU A 112 10.02 -6.06 0.87
N ILE A 113 11.12 -6.71 0.51
CA ILE A 113 11.24 -7.25 -0.87
C ILE A 113 10.32 -8.47 -1.04
N VAL A 114 9.41 -8.41 -2.04
CA VAL A 114 8.40 -9.46 -2.20
C VAL A 114 8.42 -10.04 -3.63
N GLY A 115 9.43 -9.68 -4.44
CA GLY A 115 9.46 -10.26 -5.79
C GLY A 115 10.69 -9.78 -6.55
N PHE A 116 11.09 -10.56 -7.55
CA PHE A 116 12.19 -10.10 -8.41
C PHE A 116 11.78 -10.25 -9.86
N LYS A 117 12.41 -9.44 -10.70
CA LYS A 117 12.23 -9.55 -12.15
C LYS A 117 13.58 -9.14 -12.72
N GLY A 118 13.81 -9.49 -13.98
CA GLY A 118 15.11 -9.14 -14.59
C GLY A 118 15.34 -9.86 -15.90
N SER A 119 16.61 -10.13 -16.18
CA SER A 119 16.96 -10.85 -17.42
C SER A 119 18.28 -11.61 -17.20
N ILE A 120 18.43 -12.79 -17.82
CA ILE A 120 19.64 -13.58 -17.67
C ILE A 120 20.01 -14.10 -19.08
N GLY A 121 21.24 -13.82 -19.46
CA GLY A 121 21.87 -14.38 -20.72
C GLY A 121 22.98 -15.28 -20.23
N TYR A 122 24.25 -14.99 -20.58
CA TYR A 122 25.28 -15.77 -19.94
C TYR A 122 25.35 -15.41 -18.43
N TRP A 123 25.07 -14.14 -18.16
CA TRP A 123 25.05 -13.71 -16.72
C TRP A 123 23.80 -12.96 -16.48
N LEU A 124 23.51 -12.70 -15.19
CA LEU A 124 22.38 -11.83 -14.84
C LEU A 124 22.54 -10.38 -15.46
N ASP A 125 21.71 -10.04 -16.41
CA ASP A 125 21.85 -8.77 -17.16
C ASP A 125 21.45 -7.56 -16.32
N TYR A 126 20.28 -7.67 -15.66
CA TYR A 126 19.76 -6.56 -14.83
C TYR A 126 18.64 -7.16 -13.99
N PHE A 127 18.33 -6.49 -12.87
CA PHE A 127 17.14 -6.95 -12.11
C PHE A 127 16.46 -5.81 -11.43
N SER A 128 15.24 -6.08 -11.00
CA SER A 128 14.41 -5.13 -10.28
C SER A 128 13.76 -5.91 -9.10
N MET A 129 13.34 -5.17 -8.06
CA MET A 129 12.66 -5.77 -6.90
C MET A 129 11.30 -5.12 -6.67
N TYR A 130 10.30 -5.96 -6.38
CA TYR A 130 8.98 -5.51 -5.93
C TYR A 130 9.13 -5.27 -4.42
N LEU A 131 8.62 -4.11 -3.97
CA LEU A 131 8.62 -3.77 -2.50
C LEU A 131 7.19 -3.59 -2.00
N SER A 132 6.93 -4.03 -0.75
CA SER A 132 5.61 -3.79 -0.18
C SER A 132 5.72 -3.69 1.31
N LEU A 133 4.72 -3.12 1.90
CA LEU A 133 4.56 -3.37 3.31
C LEU A 133 3.98 -4.77 3.45
N GLN B 2 -9.88 1.52 -12.79
CA GLN B 2 -9.03 1.24 -13.98
C GLN B 2 -8.89 -0.25 -14.30
N SER B 3 -8.32 -1.04 -13.40
CA SER B 3 -7.94 -2.39 -13.75
C SER B 3 -8.21 -3.37 -12.61
N GLY B 4 -8.45 -4.65 -12.92
CA GLY B 4 -8.61 -5.66 -11.85
C GLY B 4 -7.27 -6.15 -11.33
N ILE B 5 -6.17 -5.58 -11.83
CA ILE B 5 -4.81 -6.07 -11.46
C ILE B 5 -4.23 -5.18 -10.34
N SER B 6 -3.92 -5.76 -9.19
CA SER B 6 -3.35 -4.96 -8.10
C SER B 6 -1.85 -4.67 -8.42
N GLN B 7 -1.42 -3.53 -7.88
CA GLN B 7 -0.13 -2.85 -8.23
C GLN B 7 0.77 -2.93 -7.06
N THR B 8 2.07 -2.85 -7.36
CA THR B 8 3.12 -3.00 -6.34
C THR B 8 4.25 -1.98 -6.67
N VAL B 9 4.85 -1.36 -5.64
CA VAL B 9 6.10 -0.60 -5.95
C VAL B 9 7.17 -1.53 -6.49
N ILE B 10 7.89 -1.00 -7.47
CA ILE B 10 9.06 -1.68 -7.97
C ILE B 10 10.19 -0.68 -8.14
N VAL B 11 11.33 -1.06 -7.57
CA VAL B 11 12.60 -0.29 -7.76
C VAL B 11 13.58 -1.09 -8.61
N GLY B 12 14.38 -0.35 -9.39
CA GLY B 12 15.34 -0.99 -10.34
C GLY B 12 14.98 -0.41 -11.71
N PRO B 13 15.65 -0.92 -12.78
CA PRO B 13 16.57 -2.00 -12.70
C PRO B 13 17.99 -1.50 -12.42
N TRP B 14 18.80 -2.37 -11.87
CA TRP B 14 20.25 -2.23 -11.87
C TRP B 14 20.83 -3.19 -12.86
N GLY B 15 21.79 -2.70 -13.64
CA GLY B 15 22.50 -3.60 -14.62
C GLY B 15 22.46 -2.95 -15.98
N ALA B 16 22.44 -3.77 -17.02
CA ALA B 16 22.32 -3.23 -18.36
C ALA B 16 21.04 -2.43 -18.58
N LYS B 17 21.12 -1.31 -19.31
CA LYS B 17 19.91 -0.59 -19.74
C LYS B 17 19.82 -0.65 -21.26
N GLY C 1 24.92 15.76 12.09
CA GLY C 1 24.03 16.86 11.73
C GLY C 1 22.71 16.74 12.43
N LYS C 2 21.82 17.62 12.06
CA LYS C 2 20.53 17.65 12.68
C LYS C 2 19.67 16.69 11.83
N ALA C 3 19.08 15.67 12.48
CA ALA C 3 18.22 14.76 11.72
C ALA C 3 16.97 15.46 11.32
N PHE C 4 16.40 15.03 10.20
CA PHE C 4 15.12 15.55 9.74
C PHE C 4 14.28 14.38 9.18
N ASP C 5 12.95 14.54 9.20
CA ASP C 5 12.05 13.54 8.63
C ASP C 5 10.75 14.23 8.26
N ASP C 6 10.55 14.52 6.98
CA ASP C 6 9.33 15.19 6.56
C ASP C 6 8.09 14.33 6.68
N GLY C 7 8.28 13.00 6.65
CA GLY C 7 7.18 12.02 6.52
C GLY C 7 6.66 11.91 5.10
N ALA C 8 5.44 11.42 4.93
CA ALA C 8 4.95 11.07 3.57
C ALA C 8 3.77 12.04 3.22
N PHE C 9 3.69 12.34 1.93
CA PHE C 9 2.72 13.25 1.36
C PHE C 9 2.10 12.61 0.14
N THR C 10 1.41 13.41 -0.71
CA THR C 10 0.75 12.92 -1.91
C THR C 10 1.65 12.91 -3.12
N GLY C 11 2.77 13.62 -3.05
CA GLY C 11 3.58 13.76 -4.28
C GLY C 11 4.56 14.92 -4.07
N ILE C 12 5.30 15.30 -5.13
CA ILE C 12 6.30 16.36 -5.01
C ILE C 12 6.08 17.46 -6.06
N ARG C 13 6.07 18.71 -5.61
CA ARG C 13 5.87 19.84 -6.53
C ARG C 13 7.19 20.54 -6.86
N GLU C 14 8.07 20.67 -5.89
CA GLU C 14 9.30 21.41 -6.15
C GLU C 14 10.36 20.92 -5.20
N ILE C 15 11.61 20.93 -5.64
CA ILE C 15 12.70 20.63 -4.68
C ILE C 15 13.64 21.80 -4.69
N ASN C 16 13.96 22.27 -3.50
CA ASN C 16 14.93 23.35 -3.40
C ASN C 16 16.17 22.82 -2.72
N LEU C 17 17.33 22.93 -3.35
CA LEU C 17 18.50 22.52 -2.63
C LEU C 17 19.64 23.51 -2.82
N SER C 18 20.77 23.28 -2.18
CA SER C 18 21.91 24.16 -2.48
C SER C 18 23.17 23.29 -2.47
N TYR C 19 24.24 23.78 -3.07
CA TYR C 19 25.43 22.98 -3.19
C TYR C 19 26.62 23.90 -3.32
N ASN C 20 27.81 23.36 -3.16
CA ASN C 20 29.01 24.16 -3.40
C ASN C 20 29.92 23.24 -4.20
N LYS C 21 30.47 23.75 -5.30
CA LYS C 21 31.47 23.07 -6.11
C LYS C 21 32.71 22.57 -5.32
N GLU C 22 33.10 23.25 -4.26
CA GLU C 22 34.33 22.86 -3.48
C GLU C 22 33.98 21.68 -2.49
N THR C 23 32.70 21.53 -2.15
CA THR C 23 32.36 20.64 -1.01
C THR C 23 31.24 19.59 -1.33
N ALA C 24 29.96 19.93 -1.05
CA ALA C 24 28.90 18.93 -1.13
C ALA C 24 27.56 19.69 -1.07
N ILE C 25 26.47 18.90 -1.00
CA ILE C 25 25.14 19.43 -0.88
C ILE C 25 24.98 20.08 0.48
N GLY C 26 24.31 21.25 0.50
CA GLY C 26 24.11 22.03 1.74
C GLY C 26 22.73 21.92 2.32
N ASP C 27 21.79 22.60 1.71
CA ASP C 27 20.42 22.70 2.28
C ASP C 27 19.49 21.90 1.42
N PHE C 28 18.31 21.59 1.95
CA PHE C 28 17.38 20.75 1.22
C PHE C 28 15.97 21.09 1.72
N GLN C 29 15.05 21.36 0.81
CA GLN C 29 13.65 21.68 1.18
C GLN C 29 12.78 21.22 0.08
N VAL C 30 11.61 20.63 0.42
CA VAL C 30 10.70 20.15 -0.59
C VAL C 30 9.34 20.83 -0.42
N VAL C 31 8.76 21.24 -1.54
CA VAL C 31 7.34 21.63 -1.62
C VAL C 31 6.62 20.38 -2.10
N TYR C 32 5.85 19.77 -1.19
CA TYR C 32 5.10 18.55 -1.52
C TYR C 32 3.71 18.85 -2.11
N ASP C 33 3.11 17.86 -2.71
CA ASP C 33 1.65 17.90 -2.86
C ASP C 33 1.04 17.23 -1.66
N LEU C 34 -0.04 17.83 -1.13
CA LEU C 34 -0.87 17.16 -0.14
C LEU C 34 -2.30 17.28 -0.60
N ASN C 35 -2.82 16.15 -1.03
CA ASN C 35 -4.24 16.03 -1.52
C ASN C 35 -4.64 17.13 -2.50
N GLY C 36 -3.71 17.43 -3.41
CA GLY C 36 -3.99 18.42 -4.47
C GLY C 36 -3.62 19.86 -4.22
N SER C 37 -3.13 20.18 -3.01
CA SER C 37 -2.70 21.52 -2.66
C SER C 37 -1.22 21.46 -2.28
N PRO C 38 -0.47 22.53 -2.56
CA PRO C 38 0.92 22.52 -2.17
C PRO C 38 1.10 22.56 -0.64
N TYR C 39 2.15 21.90 -0.16
CA TYR C 39 2.49 21.89 1.26
C TYR C 39 3.97 22.19 1.34
N VAL C 40 4.31 23.33 1.97
CA VAL C 40 5.73 23.78 1.96
C VAL C 40 6.44 23.03 3.12
N GLY C 41 7.35 22.13 2.77
CA GLY C 41 8.13 21.38 3.76
C GLY C 41 9.08 22.25 4.57
N GLN C 42 9.52 21.76 5.74
CA GLN C 42 10.56 22.45 6.50
C GLN C 42 11.80 22.62 5.63
N ASN C 43 12.46 23.75 5.81
CA ASN C 43 13.69 23.97 5.11
C ASN C 43 14.83 23.41 5.97
N HIS C 44 15.53 22.40 5.47
CA HIS C 44 16.61 21.75 6.20
C HIS C 44 17.91 22.40 5.84
N LYS C 45 18.40 23.22 6.77
CA LYS C 45 19.52 24.06 6.44
C LYS C 45 20.81 23.59 7.06
N SER C 46 21.85 23.79 6.27
CA SER C 46 23.19 23.59 6.77
C SER C 46 23.52 24.50 8.00
N PHE C 47 24.47 24.05 8.78
CA PHE C 47 24.98 24.85 9.87
C PHE C 47 25.80 26.05 9.36
N ILE C 48 26.24 25.92 8.13
CA ILE C 48 26.99 26.97 7.48
C ILE C 48 26.32 27.51 6.25
N THR C 49 26.89 28.56 5.69
CA THR C 49 26.27 29.24 4.58
C THR C 49 27.33 29.53 3.54
N GLY C 50 26.85 29.97 2.41
CA GLY C 50 27.70 30.18 1.24
C GLY C 50 27.44 29.24 0.09
N PHE C 51 26.36 28.47 0.18
CA PHE C 51 26.02 27.56 -0.92
C PHE C 51 25.24 28.24 -2.05
N THR C 52 25.24 27.59 -3.22
CA THR C 52 24.54 28.10 -4.38
C THR C 52 23.14 27.44 -4.37
N PRO C 53 22.05 28.22 -4.27
CA PRO C 53 20.67 27.65 -4.30
C PRO C 53 20.19 27.24 -5.70
N VAL C 54 19.43 26.15 -5.74
CA VAL C 54 18.81 25.65 -6.95
C VAL C 54 17.36 25.38 -6.63
N LYS C 55 16.51 25.70 -7.58
CA LYS C 55 15.08 25.40 -7.43
C LYS C 55 14.66 24.47 -8.57
N ILE C 56 14.18 23.26 -8.26
CA ILE C 56 13.67 22.34 -9.29
C ILE C 56 12.14 22.40 -9.21
N SER C 57 11.49 23.05 -10.18
CA SER C 57 10.04 23.21 -10.16
C SER C 57 9.47 22.19 -11.11
N LEU C 58 8.77 21.19 -10.56
CA LEU C 58 8.19 20.15 -11.42
C LEU C 58 6.79 20.56 -11.87
N ASP C 59 6.42 20.11 -13.05
CA ASP C 59 5.11 20.39 -13.59
C ASP C 59 4.22 19.29 -13.05
N PHE C 60 3.94 19.41 -11.76
CA PHE C 60 3.03 18.50 -11.08
C PHE C 60 1.58 18.70 -11.57
N PRO C 61 0.83 17.58 -11.71
CA PRO C 61 1.16 16.20 -11.52
C PRO C 61 1.70 15.40 -12.72
N SER C 62 1.87 15.97 -13.93
CA SER C 62 2.33 15.15 -15.02
C SER C 62 3.79 14.79 -14.96
N GLU C 63 4.57 15.63 -14.28
CA GLU C 63 6.01 15.36 -14.13
C GLU C 63 6.32 14.79 -12.77
N TYR C 64 7.05 13.69 -12.79
CA TYR C 64 7.45 13.02 -11.52
C TYR C 64 8.86 12.46 -11.62
N ILE C 65 9.49 12.35 -10.45
CA ILE C 65 10.84 11.77 -10.39
C ILE C 65 10.85 10.27 -10.64
N MET C 66 11.75 9.79 -11.51
CA MET C 66 11.87 8.37 -11.84
C MET C 66 13.22 7.79 -11.38
N GLU C 67 14.21 8.67 -11.13
CA GLU C 67 15.49 8.23 -10.59
C GLU C 67 16.18 9.31 -9.78
N VAL C 68 16.72 8.94 -8.61
CA VAL C 68 17.57 9.84 -7.84
C VAL C 68 18.96 9.17 -7.74
N SER C 69 20.00 9.94 -8.07
CA SER C 69 21.38 9.42 -8.05
C SER C 69 22.31 10.43 -7.41
N GLY C 70 23.52 9.99 -7.07
CA GLY C 70 24.41 10.94 -6.47
C GLY C 70 25.75 10.28 -6.16
N TYR C 71 26.59 11.02 -5.41
CA TYR C 71 27.89 10.50 -4.98
C TYR C 71 28.09 10.80 -3.49
N THR C 72 28.71 9.89 -2.76
CA THR C 72 29.09 10.16 -1.36
C THR C 72 30.58 10.18 -1.29
N GLY C 73 31.12 11.01 -0.40
CA GLY C 73 32.57 11.06 -0.30
C GLY C 73 32.95 11.89 0.90
N ASN C 74 34.26 11.94 1.18
CA ASN C 74 34.75 12.56 2.38
C ASN C 74 35.02 14.04 2.13
N VAL C 75 34.49 14.90 3.00
CA VAL C 75 34.78 16.35 2.91
C VAL C 75 35.19 16.77 4.32
N SER C 76 36.46 17.19 4.45
CA SER C 76 36.95 17.70 5.75
C SER C 76 36.74 16.68 6.87
N GLY C 77 36.83 15.38 6.54
CA GLY C 77 36.70 14.31 7.55
C GLY C 77 35.31 13.72 7.73
N TYR C 78 34.33 14.31 7.06
CA TYR C 78 32.93 13.81 7.13
C TYR C 78 32.55 13.12 5.82
N VAL C 79 31.91 11.97 5.93
CA VAL C 79 31.38 11.30 4.71
C VAL C 79 29.97 11.83 4.52
N VAL C 80 29.77 12.46 3.36
CA VAL C 80 28.51 13.22 3.06
C VAL C 80 28.06 12.98 1.65
N VAL C 81 26.84 13.44 1.35
CA VAL C 81 26.35 13.40 -0.02
C VAL C 81 26.96 14.58 -0.80
N ARG C 82 27.91 14.26 -1.67
CA ARG C 82 28.62 15.30 -2.45
C ARG C 82 27.89 15.79 -3.70
N SER C 83 27.01 14.92 -4.22
CA SER C 83 26.31 15.26 -5.46
C SER C 83 24.93 14.66 -5.49
N LEU C 84 23.97 15.35 -6.18
CA LEU C 84 22.64 14.80 -6.41
C LEU C 84 22.24 15.12 -7.85
N THR C 85 21.49 14.16 -8.40
CA THR C 85 20.81 14.31 -9.71
C THR C 85 19.40 13.74 -9.59
N PHE C 86 18.45 14.41 -10.21
CA PHE C 86 17.04 13.97 -10.17
C PHE C 86 16.56 13.84 -11.58
N LYS C 87 16.17 12.63 -11.97
CA LYS C 87 15.72 12.42 -13.32
C LYS C 87 14.23 12.28 -13.27
N THR C 88 13.51 13.08 -14.06
CA THR C 88 12.05 12.84 -14.17
C THR C 88 11.69 12.19 -15.47
N ASN C 89 10.37 12.03 -15.67
CA ASN C 89 9.91 11.47 -16.94
C ASN C 89 10.16 12.51 -18.04
N LYS C 90 10.34 13.76 -17.64
CA LYS C 90 10.54 14.87 -18.59
C LYS C 90 12.00 15.24 -18.83
N LYS C 91 12.79 15.41 -17.76
CA LYS C 91 14.20 15.81 -17.99
C LYS C 91 15.07 15.46 -16.79
N THR C 92 16.35 15.73 -16.94
CA THR C 92 17.33 15.52 -15.84
C THR C 92 17.70 16.87 -15.20
N TYR C 93 17.74 16.89 -13.87
CA TYR C 93 18.09 18.08 -13.10
C TYR C 93 19.37 17.69 -12.36
N GLY C 94 20.49 18.31 -12.75
CA GLY C 94 21.74 17.95 -12.13
C GLY C 94 22.69 17.37 -13.12
N PRO C 95 23.87 16.97 -12.67
CA PRO C 95 24.23 16.85 -11.23
C PRO C 95 24.50 18.20 -10.59
N TYR C 96 24.21 18.30 -9.29
CA TYR C 96 24.51 19.46 -8.45
C TYR C 96 25.54 19.02 -7.43
N GLY C 97 26.68 19.71 -7.35
CA GLY C 97 27.65 19.39 -6.31
C GLY C 97 28.90 18.85 -6.95
N VAL C 98 29.51 17.88 -6.33
CA VAL C 98 30.80 17.33 -6.76
C VAL C 98 30.63 15.85 -7.06
N THR C 99 30.83 15.45 -8.33
CA THR C 99 30.62 14.04 -8.68
C THR C 99 31.84 13.13 -8.39
N SER C 100 32.20 13.01 -7.11
CA SER C 100 33.41 12.27 -6.76
C SER C 100 33.07 11.41 -5.60
N GLY C 101 33.55 10.19 -5.66
CA GLY C 101 33.48 9.27 -4.55
C GLY C 101 32.65 8.10 -5.01
N THR C 102 31.79 7.62 -4.12
CA THR C 102 31.13 6.37 -4.38
C THR C 102 29.72 6.66 -4.91
N PRO C 103 29.35 6.11 -6.09
CA PRO C 103 27.99 6.44 -6.55
C PRO C 103 26.90 5.68 -5.90
N PHE C 104 25.68 6.22 -6.01
CA PHE C 104 24.47 5.49 -5.60
C PHE C 104 23.39 5.88 -6.58
N ASN C 105 22.38 5.00 -6.66
CA ASN C 105 21.22 5.33 -7.49
C ASN C 105 19.98 4.55 -7.16
N LEU C 106 18.86 5.26 -7.16
CA LEU C 106 17.60 4.56 -6.91
C LEU C 106 16.70 4.87 -8.13
N PRO C 107 16.62 3.93 -9.07
CA PRO C 107 15.59 4.12 -10.10
C PRO C 107 14.27 3.49 -9.62
N ILE C 108 13.20 4.05 -10.14
CA ILE C 108 11.82 3.60 -9.79
C ILE C 108 11.16 3.15 -11.08
N GLU C 109 10.75 1.90 -11.09
CA GLU C 109 10.01 1.27 -12.15
C GLU C 109 8.48 1.53 -11.95
N ASN C 110 8.02 1.46 -10.71
CA ASN C 110 6.62 1.71 -10.44
C ASN C 110 6.47 2.27 -9.05
N GLY C 111 5.80 3.40 -8.95
CA GLY C 111 5.62 4.06 -7.63
C GLY C 111 6.21 5.44 -7.59
N LEU C 112 6.09 6.09 -6.43
CA LEU C 112 6.36 7.56 -6.39
C LEU C 112 7.14 7.84 -5.12
N ILE C 113 8.15 8.74 -5.19
CA ILE C 113 8.75 9.30 -3.97
C ILE C 113 7.74 10.29 -3.39
N VAL C 114 7.39 10.08 -2.12
CA VAL C 114 6.42 10.96 -1.47
C VAL C 114 6.95 11.58 -0.19
N GLY C 115 8.26 11.47 0.05
CA GLY C 115 8.80 12.14 1.23
C GLY C 115 10.27 11.88 1.36
N PHE C 116 10.90 12.70 2.19
CA PHE C 116 12.37 12.55 2.43
C PHE C 116 12.66 12.65 3.91
N LYS C 117 13.73 11.97 4.31
CA LYS C 117 14.26 12.10 5.66
C LYS C 117 15.79 11.98 5.54
N GLY C 118 16.52 12.40 6.57
CA GLY C 118 17.99 12.33 6.46
C GLY C 118 18.60 13.18 7.58
N SER C 119 19.77 13.73 7.34
CA SER C 119 20.46 14.52 8.35
C SER C 119 21.33 15.50 7.62
N ILE C 120 21.37 16.71 8.15
CA ILE C 120 22.21 17.76 7.59
C ILE C 120 23.02 18.40 8.71
N GLY C 121 24.35 18.39 8.56
CA GLY C 121 25.30 19.16 9.47
C GLY C 121 25.85 20.33 8.70
N TYR C 122 27.16 20.34 8.42
CA TYR C 122 27.66 21.30 7.47
C TYR C 122 27.18 20.91 6.08
N TRP C 123 27.05 19.59 5.86
CA TRP C 123 26.53 19.13 4.57
C TRP C 123 25.45 18.09 4.75
N LEU C 124 24.78 17.75 3.67
CA LEU C 124 23.80 16.61 3.71
C LEU C 124 24.58 15.33 4.01
N ASP C 125 24.33 14.74 5.19
CA ASP C 125 25.13 13.59 5.60
C ASP C 125 24.60 12.27 4.94
N TYR C 126 23.27 12.16 4.87
CA TYR C 126 22.63 11.00 4.26
C TYR C 126 21.15 11.30 4.16
N PHE C 127 20.46 10.48 3.36
CA PHE C 127 18.98 10.69 3.27
C PHE C 127 18.33 9.37 2.87
N SER C 128 16.99 9.31 3.12
CA SER C 128 16.18 8.16 2.67
C SER C 128 14.91 8.73 2.06
N MET C 129 14.15 7.89 1.36
CA MET C 129 12.96 8.34 0.63
C MET C 129 11.80 7.44 1.03
N TYR C 130 10.64 8.07 1.23
CA TYR C 130 9.36 7.31 1.35
C TYR C 130 8.85 7.04 -0.08
N LEU C 131 8.44 5.79 -0.31
CA LEU C 131 7.86 5.35 -1.62
C LEU C 131 6.44 4.90 -1.45
N SER C 132 5.58 5.30 -2.38
CA SER C 132 4.18 4.81 -2.33
C SER C 132 3.64 4.64 -3.71
N LEU C 133 2.51 3.96 -3.80
CA LEU C 133 1.74 4.01 -5.03
C LEU C 133 0.75 5.18 -4.93
N SER D 3 -0.48 0.37 15.80
CA SER D 3 -0.77 1.78 16.18
C SER D 3 -1.64 2.49 15.16
N GLY D 4 -2.06 3.68 15.54
CA GLY D 4 -2.83 4.54 14.68
C GLY D 4 -2.06 5.30 13.66
N ILE D 5 -0.77 4.98 13.45
CA ILE D 5 0.00 5.80 12.51
C ILE D 5 0.19 5.00 11.21
N SER D 6 -0.18 5.60 10.11
CA SER D 6 -0.08 4.94 8.82
C SER D 6 1.41 4.76 8.48
N GLN D 7 1.69 3.65 7.84
CA GLN D 7 3.06 3.20 7.39
C GLN D 7 3.24 3.33 5.89
N THR D 8 4.51 3.53 5.50
CA THR D 8 4.87 3.69 4.11
C THR D 8 6.21 2.98 3.97
N VAL D 9 6.46 2.43 2.77
CA VAL D 9 7.84 1.94 2.42
C VAL D 9 8.85 3.08 2.51
N ILE D 10 10.00 2.78 3.11
CA ILE D 10 11.12 3.73 3.14
C ILE D 10 12.38 2.98 2.70
N VAL D 11 13.04 3.56 1.69
CA VAL D 11 14.31 3.03 1.25
C VAL D 11 15.43 4.01 1.59
N GLY D 12 16.62 3.45 1.78
CA GLY D 12 17.85 4.19 2.17
C GLY D 12 18.20 3.80 3.58
N PRO D 13 19.14 4.51 4.20
CA PRO D 13 19.73 5.75 3.68
C PRO D 13 20.92 5.57 2.71
N TRP D 14 21.12 6.58 1.86
CA TRP D 14 22.37 6.75 1.11
C TRP D 14 23.18 7.88 1.65
N GLY D 15 24.48 7.72 1.59
CA GLY D 15 25.31 8.74 2.21
C GLY D 15 26.25 8.30 3.30
N ALA D 16 25.73 7.56 4.27
CA ALA D 16 26.42 7.41 5.56
C ALA D 16 25.43 7.09 6.68
N GLY E 1 -17.97 -23.42 13.10
CA GLY E 1 -17.61 -23.69 11.68
C GLY E 1 -16.10 -23.91 11.62
N LYS E 2 -15.64 -24.13 10.40
CA LYS E 2 -14.25 -24.22 10.12
C LYS E 2 -13.77 -22.85 9.56
N ALA E 3 -12.79 -22.26 10.23
CA ALA E 3 -12.20 -20.99 9.71
C ALA E 3 -11.40 -21.27 8.48
N PHE E 4 -11.36 -20.29 7.56
CA PHE E 4 -10.51 -20.33 6.39
C PHE E 4 -9.90 -18.94 6.15
N ASP E 5 -8.76 -18.94 5.47
CA ASP E 5 -8.09 -17.65 5.14
C ASP E 5 -7.28 -17.86 3.92
N ASP E 6 -7.73 -17.30 2.78
CA ASP E 6 -7.04 -17.50 1.52
C ASP E 6 -5.78 -16.64 1.42
N GLY E 7 -5.71 -15.57 2.21
CA GLY E 7 -4.73 -14.56 2.02
C GLY E 7 -4.97 -13.65 0.84
N ALA E 8 -3.90 -12.97 0.39
CA ALA E 8 -4.08 -11.94 -0.64
C ALA E 8 -3.37 -12.33 -1.96
N PHE E 9 -3.98 -11.90 -3.08
CA PHE E 9 -3.50 -12.28 -4.40
C PHE E 9 -3.44 -11.01 -5.21
N THR E 10 -3.40 -11.19 -6.52
CA THR E 10 -3.23 -10.07 -7.41
C THR E 10 -4.60 -9.59 -7.99
N GLY E 11 -5.67 -10.35 -7.76
CA GLY E 11 -7.04 -9.92 -8.21
C GLY E 11 -7.89 -11.21 -8.28
N ILE E 12 -9.05 -11.06 -8.92
CA ILE E 12 -10.05 -12.14 -8.86
C ILE E 12 -10.49 -12.51 -10.26
N ARG E 13 -10.46 -13.80 -10.55
CA ARG E 13 -10.91 -14.29 -11.89
C ARG E 13 -12.29 -14.93 -11.83
N GLU E 14 -12.61 -15.67 -10.76
CA GLU E 14 -13.91 -16.33 -10.73
C GLU E 14 -14.32 -16.50 -9.29
N ILE E 15 -15.62 -16.43 -9.02
CA ILE E 15 -16.12 -16.88 -7.72
C ILE E 15 -17.09 -18.01 -7.93
N ASN E 16 -16.87 -19.10 -7.23
CA ASN E 16 -17.83 -20.21 -7.21
C ASN E 16 -18.42 -20.29 -5.82
N LEU E 17 -19.72 -20.14 -5.72
CA LEU E 17 -20.33 -20.28 -4.44
C LEU E 17 -21.56 -21.17 -4.57
N SER E 18 -22.13 -21.52 -3.42
CA SER E 18 -23.44 -22.21 -3.47
C SER E 18 -24.41 -21.62 -2.49
N TYR E 19 -25.71 -21.86 -2.71
CA TYR E 19 -26.67 -21.30 -1.78
C TYR E 19 -27.93 -22.12 -1.76
N ASN E 20 -28.80 -21.79 -0.84
CA ASN E 20 -30.12 -22.41 -0.77
C ASN E 20 -31.16 -21.31 -0.52
N LYS E 21 -32.22 -21.33 -1.32
CA LYS E 21 -33.24 -20.29 -1.28
C LYS E 21 -34.08 -20.16 0.00
N GLU E 22 -33.93 -21.11 0.92
CA GLU E 22 -34.65 -21.13 2.20
C GLU E 22 -33.69 -20.81 3.32
N THR E 23 -32.39 -21.08 3.10
CA THR E 23 -31.40 -20.94 4.19
C THR E 23 -30.38 -19.79 4.01
N ALA E 24 -29.21 -20.12 3.43
CA ALA E 24 -28.09 -19.19 3.40
C ALA E 24 -27.05 -19.64 2.37
N ILE E 25 -25.98 -18.87 2.27
CA ILE E 25 -24.77 -19.28 1.56
C ILE E 25 -24.14 -20.54 2.16
N GLY E 26 -23.76 -21.53 1.33
CA GLY E 26 -23.10 -22.75 1.81
C GLY E 26 -21.60 -22.70 1.49
N ASP E 27 -21.25 -22.97 0.26
CA ASP E 27 -19.80 -23.14 -0.12
C ASP E 27 -19.25 -21.87 -0.79
N PHE E 28 -17.92 -21.73 -0.77
CA PHE E 28 -17.28 -20.56 -1.34
C PHE E 28 -15.87 -20.85 -1.77
N GLN E 29 -15.57 -20.60 -3.07
CA GLN E 29 -14.24 -20.85 -3.55
CA GLN E 29 -14.24 -20.90 -3.61
C GLN E 29 -13.93 -19.78 -4.55
N VAL E 30 -12.67 -19.35 -4.56
CA VAL E 30 -12.34 -18.29 -5.50
C VAL E 30 -11.19 -18.71 -6.42
N VAL E 31 -11.26 -18.34 -7.70
CA VAL E 31 -10.09 -18.49 -8.60
C VAL E 31 -9.54 -17.06 -8.61
N TYR E 32 -8.38 -16.91 -7.97
CA TYR E 32 -7.70 -15.63 -7.92
C TYR E 32 -6.82 -15.46 -9.18
N ASP E 33 -6.43 -14.22 -9.45
CA ASP E 33 -5.27 -14.01 -10.30
C ASP E 33 -4.05 -14.00 -9.37
N LEU E 34 -2.95 -14.63 -9.79
CA LEU E 34 -1.65 -14.43 -9.14
C LEU E 34 -0.64 -14.10 -10.24
N ASN E 35 -0.27 -12.83 -10.26
CA ASN E 35 0.77 -12.34 -11.17
C ASN E 35 0.48 -12.74 -12.62
N GLY E 36 -0.79 -12.67 -13.00
CA GLY E 36 -1.18 -12.83 -14.44
C GLY E 36 -1.61 -14.22 -14.79
N SER E 37 -1.56 -15.12 -13.82
CA SER E 37 -1.92 -16.52 -14.02
C SER E 37 -3.00 -16.92 -13.03
N PRO E 38 -3.91 -17.84 -13.42
CA PRO E 38 -4.92 -18.31 -12.45
C PRO E 38 -4.32 -19.02 -11.24
N TYR E 39 -4.90 -18.78 -10.08
CA TYR E 39 -4.59 -19.54 -8.90
C TYR E 39 -5.93 -20.03 -8.32
N VAL E 40 -6.11 -21.34 -8.30
CA VAL E 40 -7.39 -21.90 -7.92
C VAL E 40 -7.34 -22.08 -6.41
N GLY E 41 -8.15 -21.28 -5.71
CA GLY E 41 -8.22 -21.32 -4.27
C GLY E 41 -8.83 -22.57 -3.67
N GLN E 42 -8.58 -22.74 -2.39
CA GLN E 42 -9.19 -23.82 -1.70
C GLN E 42 -10.73 -23.70 -1.82
N ASN E 43 -11.42 -24.83 -1.97
CA ASN E 43 -12.85 -24.83 -1.97
C ASN E 43 -13.35 -24.93 -0.49
N HIS E 44 -14.01 -23.88 0.03
CA HIS E 44 -14.43 -23.88 1.43
C HIS E 44 -15.80 -24.42 1.52
N LYS E 45 -15.90 -25.64 2.07
CA LYS E 45 -17.18 -26.39 1.92
C LYS E 45 -18.00 -26.40 3.15
N SER E 46 -19.31 -26.28 2.97
CA SER E 46 -20.25 -26.52 4.04
C SER E 46 -20.16 -27.97 4.54
N PHE E 47 -20.50 -28.14 5.80
CA PHE E 47 -20.52 -29.42 6.48
C PHE E 47 -21.65 -30.24 5.87
N ILE E 48 -22.62 -29.57 5.24
CA ILE E 48 -23.70 -30.29 4.57
C ILE E 48 -23.72 -30.03 3.08
N THR E 49 -24.51 -30.81 2.33
CA THR E 49 -24.59 -30.67 0.90
C THR E 49 -26.08 -30.50 0.53
N GLY E 50 -26.34 -30.27 -0.72
CA GLY E 50 -27.68 -29.97 -1.16
C GLY E 50 -27.87 -28.59 -1.77
N PHE E 51 -26.81 -27.79 -1.77
CA PHE E 51 -26.87 -26.41 -2.29
C PHE E 51 -26.90 -26.24 -3.82
N THR E 52 -27.43 -25.13 -4.32
CA THR E 52 -27.32 -24.77 -5.74
C THR E 52 -26.02 -24.06 -5.97
N PRO E 53 -25.17 -24.57 -6.88
CA PRO E 53 -23.92 -23.90 -7.22
C PRO E 53 -24.11 -22.80 -8.24
N VAL E 54 -23.27 -21.78 -8.15
CA VAL E 54 -23.25 -20.68 -9.09
C VAL E 54 -21.77 -20.49 -9.42
N LYS E 55 -21.48 -20.17 -10.65
CA LYS E 55 -20.13 -19.81 -11.03
C LYS E 55 -20.22 -18.36 -11.55
N ILE E 56 -19.42 -17.45 -10.97
CA ILE E 56 -19.32 -16.06 -11.42
C ILE E 56 -17.98 -15.88 -12.14
N SER E 57 -17.98 -15.88 -13.47
CA SER E 57 -16.75 -15.82 -14.23
C SER E 57 -16.50 -14.40 -14.69
N LEU E 58 -15.47 -13.75 -14.18
CA LEU E 58 -15.24 -12.35 -14.56
C LEU E 58 -14.33 -12.27 -15.78
N ASP E 59 -14.52 -11.22 -16.59
CA ASP E 59 -13.63 -11.00 -17.71
C ASP E 59 -12.41 -10.21 -17.20
N PHE E 60 -11.58 -10.94 -16.46
CA PHE E 60 -10.34 -10.37 -15.91
C PHE E 60 -9.33 -10.08 -17.03
N PRO E 61 -8.62 -8.93 -16.98
CA PRO E 61 -8.59 -7.91 -15.93
C PRO E 61 -9.54 -6.71 -16.13
N SER E 62 -10.31 -6.66 -17.22
CA SER E 62 -11.08 -5.45 -17.38
C SER E 62 -12.35 -5.35 -16.47
N GLU E 63 -12.84 -6.50 -16.01
CA GLU E 63 -14.03 -6.54 -15.19
C GLU E 63 -13.53 -6.83 -13.76
N TYR E 64 -13.98 -6.00 -12.83
CA TYR E 64 -13.64 -6.24 -11.42
C TYR E 64 -14.79 -5.81 -10.51
N ILE E 65 -14.81 -6.39 -9.31
CA ILE E 65 -15.89 -6.12 -8.33
C ILE E 65 -15.75 -4.72 -7.77
N MET E 66 -16.88 -3.99 -7.71
CA MET E 66 -16.96 -2.63 -7.15
C MET E 66 -17.82 -2.57 -5.93
N GLU E 67 -18.61 -3.61 -5.70
CA GLU E 67 -19.42 -3.63 -4.47
C GLU E 67 -19.76 -5.06 -4.09
N VAL E 68 -19.69 -5.35 -2.80
CA VAL E 68 -20.13 -6.63 -2.27
C VAL E 68 -21.18 -6.29 -1.28
N SER E 69 -22.34 -6.94 -1.42
CA SER E 69 -23.39 -6.68 -0.46
C SER E 69 -24.12 -7.97 -0.13
N GLY E 70 -24.94 -7.87 0.92
CA GLY E 70 -25.73 -9.01 1.29
C GLY E 70 -26.49 -8.83 2.56
N TYR E 71 -26.80 -9.96 3.18
CA TYR E 71 -27.61 -9.93 4.43
C TYR E 71 -27.05 -10.94 5.38
N THR E 72 -27.09 -10.62 6.68
CA THR E 72 -26.75 -11.60 7.72
C THR E 72 -27.98 -11.84 8.56
N GLY E 73 -28.13 -13.07 9.06
CA GLY E 73 -29.27 -13.25 10.00
C GLY E 73 -29.26 -14.65 10.49
N ASN E 74 -30.36 -15.04 11.16
CA ASN E 74 -30.40 -16.25 11.97
C ASN E 74 -30.94 -17.44 11.15
N VAL E 75 -30.20 -18.55 11.17
CA VAL E 75 -30.63 -19.82 10.58
C VAL E 75 -30.33 -20.88 11.63
N SER E 76 -31.41 -21.50 12.11
CA SER E 76 -31.32 -22.53 13.16
C SER E 76 -30.57 -22.08 14.38
N GLY E 77 -30.71 -20.81 14.73
CA GLY E 77 -30.07 -20.27 15.91
C GLY E 77 -28.66 -19.73 15.73
N TYR E 78 -28.16 -19.75 14.50
CA TYR E 78 -26.78 -19.28 14.20
C TYR E 78 -26.88 -18.06 13.35
N VAL E 79 -26.02 -17.05 13.61
CA VAL E 79 -25.97 -15.92 12.65
C VAL E 79 -25.07 -16.35 11.51
N VAL E 80 -25.54 -16.18 10.29
CA VAL E 80 -24.84 -16.64 9.11
C VAL E 80 -25.04 -15.54 8.02
N VAL E 81 -24.29 -15.65 6.92
CA VAL E 81 -24.47 -14.78 5.77
C VAL E 81 -25.55 -15.42 4.87
N ARG E 82 -26.74 -14.84 4.90
CA ARG E 82 -27.89 -15.36 4.19
C ARG E 82 -27.91 -15.10 2.69
N SER E 83 -27.25 -14.01 2.26
CA SER E 83 -27.38 -13.57 0.89
C SER E 83 -26.09 -12.87 0.51
N LEU E 84 -25.69 -13.01 -0.74
CA LEU E 84 -24.59 -12.20 -1.32
C LEU E 84 -24.94 -11.70 -2.68
N THR E 85 -24.46 -10.50 -3.00
CA THR E 85 -24.52 -9.92 -4.35
C THR E 85 -23.16 -9.36 -4.68
N PHE E 86 -22.69 -9.58 -5.88
CA PHE E 86 -21.42 -8.99 -6.24
C PHE E 86 -21.68 -8.09 -7.42
N LYS E 87 -21.37 -6.80 -7.29
CA LYS E 87 -21.54 -5.83 -8.42
C LYS E 87 -20.19 -5.56 -9.01
N THR E 88 -20.04 -5.68 -10.33
CA THR E 88 -18.76 -5.28 -10.96
C THR E 88 -19.03 -4.00 -11.76
N ASN E 89 -18.00 -3.49 -12.41
CA ASN E 89 -18.09 -2.36 -13.29
C ASN E 89 -18.89 -2.75 -14.55
N LYS E 90 -19.16 -4.05 -14.75
CA LYS E 90 -19.90 -4.50 -15.91
C LYS E 90 -21.32 -4.94 -15.61
N LYS E 91 -21.54 -5.66 -14.53
CA LYS E 91 -22.80 -6.34 -14.31
C LYS E 91 -22.99 -6.57 -12.84
N THR E 92 -24.21 -6.97 -12.47
CA THR E 92 -24.55 -7.52 -11.15
C THR E 92 -24.77 -9.05 -11.12
N TYR E 93 -24.17 -9.73 -10.14
CA TYR E 93 -24.28 -11.15 -9.94
C TYR E 93 -24.99 -11.37 -8.59
N GLY E 94 -26.23 -11.86 -8.67
CA GLY E 94 -26.99 -12.01 -7.40
C GLY E 94 -28.22 -11.12 -7.35
N PRO E 95 -28.94 -11.12 -6.22
CA PRO E 95 -28.62 -11.84 -4.97
C PRO E 95 -28.71 -13.36 -5.04
N TYR E 96 -27.79 -14.04 -4.35
CA TYR E 96 -27.84 -15.44 -4.13
C TYR E 96 -28.20 -15.65 -2.67
N GLY E 97 -29.19 -16.50 -2.37
CA GLY E 97 -29.54 -16.81 -0.98
C GLY E 97 -30.86 -16.21 -0.61
N VAL E 98 -30.96 -15.74 0.62
CA VAL E 98 -32.21 -15.22 1.17
C VAL E 98 -31.95 -13.80 1.64
N THR E 99 -32.67 -12.84 1.08
CA THR E 99 -32.39 -11.44 1.34
C THR E 99 -33.22 -10.94 2.52
N SER E 100 -32.94 -11.49 3.68
CA SER E 100 -33.56 -10.99 4.89
C SER E 100 -32.57 -11.11 6.04
N GLY E 101 -32.85 -10.34 7.08
CA GLY E 101 -31.89 -10.19 8.13
C GLY E 101 -31.44 -8.72 8.06
N THR E 102 -30.17 -8.51 8.36
CA THR E 102 -29.57 -7.19 8.42
C THR E 102 -28.68 -7.02 7.18
N PRO E 103 -28.94 -5.96 6.38
CA PRO E 103 -28.05 -5.76 5.21
C PRO E 103 -26.67 -5.28 5.60
N PHE E 104 -25.72 -5.51 4.70
CA PHE E 104 -24.39 -4.87 4.78
C PHE E 104 -23.99 -4.62 3.35
N ASN E 105 -23.03 -3.69 3.18
CA ASN E 105 -22.53 -3.49 1.83
C ASN E 105 -21.20 -2.76 1.89
N LEU E 106 -20.29 -3.22 1.03
CA LEU E 106 -18.97 -2.58 0.90
C LEU E 106 -18.82 -2.12 -0.54
N PRO E 107 -19.16 -0.85 -0.80
CA PRO E 107 -18.79 -0.31 -2.16
C PRO E 107 -17.35 0.11 -2.13
N ILE E 108 -16.71 0.04 -3.27
CA ILE E 108 -15.27 0.42 -3.30
C ILE E 108 -15.18 1.53 -4.33
N GLU E 109 -14.72 2.69 -3.90
CA GLU E 109 -14.47 3.82 -4.81
C GLU E 109 -13.15 3.69 -5.51
N ASN E 110 -12.15 3.23 -4.76
CA ASN E 110 -10.80 3.02 -5.33
C ASN E 110 -10.13 1.87 -4.68
N GLY E 111 -9.62 0.90 -5.46
CA GLY E 111 -8.96 -0.28 -4.90
C GLY E 111 -9.61 -1.58 -5.35
N LEU E 112 -9.10 -2.69 -4.90
CA LEU E 112 -9.59 -4.02 -5.31
C LEU E 112 -9.73 -4.97 -4.13
N ILE E 113 -10.71 -5.89 -4.26
CA ILE E 113 -10.70 -7.08 -3.38
C ILE E 113 -9.66 -8.05 -3.90
N VAL E 114 -8.72 -8.47 -3.06
CA VAL E 114 -7.67 -9.39 -3.45
C VAL E 114 -7.60 -10.69 -2.60
N GLY E 115 -8.62 -10.96 -1.78
CA GLY E 115 -8.57 -12.19 -0.93
C GLY E 115 -9.81 -12.21 -0.08
N PHE E 116 -10.11 -13.42 0.42
CA PHE E 116 -11.23 -13.60 1.33
C PHE E 116 -10.76 -14.49 2.48
N LYS E 117 -11.40 -14.28 3.64
CA LYS E 117 -11.18 -15.16 4.80
C LYS E 117 -12.52 -15.24 5.49
N GLY E 118 -12.70 -16.23 6.40
CA GLY E 118 -14.01 -16.34 6.99
C GLY E 118 -14.13 -17.67 7.73
N SER E 119 -15.36 -18.13 7.81
CA SER E 119 -15.65 -19.43 8.48
C SER E 119 -16.97 -19.98 7.90
N ILE E 120 -17.01 -21.32 7.69
CA ILE E 120 -18.21 -21.95 7.15
C ILE E 120 -18.47 -23.17 8.01
N GLY E 121 -19.73 -23.27 8.49
CA GLY E 121 -20.22 -24.51 9.23
C GLY E 121 -21.22 -25.16 8.28
N TYR E 122 -22.48 -25.25 8.71
CA TYR E 122 -23.55 -25.56 7.75
C TYR E 122 -23.65 -24.47 6.70
N TRP E 123 -23.39 -23.23 7.11
CA TRP E 123 -23.51 -22.05 6.17
C TRP E 123 -22.35 -21.14 6.40
N LEU E 124 -22.16 -20.18 5.49
CA LEU E 124 -21.13 -19.18 5.70
C LEU E 124 -21.40 -18.41 6.99
N ASP E 125 -20.49 -18.52 7.94
CA ASP E 125 -20.75 -17.92 9.26
C ASP E 125 -20.42 -16.42 9.22
N TYR E 126 -19.27 -16.11 8.63
CA TYR E 126 -18.84 -14.72 8.53
C TYR E 126 -17.75 -14.68 7.46
N PHE E 127 -17.43 -13.48 7.00
CA PHE E 127 -16.27 -13.32 6.08
C PHE E 127 -15.70 -11.93 6.10
N SER E 128 -14.43 -11.87 5.71
CA SER E 128 -13.71 -10.56 5.51
C SER E 128 -13.05 -10.56 4.19
N MET E 129 -12.64 -9.34 3.76
CA MET E 129 -11.99 -9.20 2.46
C MET E 129 -10.70 -8.42 2.64
N TYR E 130 -9.70 -8.88 1.90
CA TYR E 130 -8.42 -8.15 1.76
C TYR E 130 -8.60 -7.10 0.67
N LEU E 131 -8.14 -5.90 0.96
CA LEU E 131 -8.22 -4.83 -0.08
C LEU E 131 -6.84 -4.32 -0.39
N SER E 132 -6.66 -3.95 -1.65
CA SER E 132 -5.32 -3.45 -2.05
C SER E 132 -5.46 -2.52 -3.22
N LEU E 133 -4.52 -1.59 -3.42
CA LEU E 133 -4.39 -1.01 -4.76
C LEU E 133 -3.68 -1.99 -5.70
N SER F 3 8.29 -8.14 10.99
CA SER F 3 8.27 -9.52 10.43
C SER F 3 8.40 -9.50 8.92
N GLY F 4 8.71 -10.67 8.40
CA GLY F 4 8.95 -10.81 7.00
C GLY F 4 7.71 -11.09 6.23
N ILE F 5 6.53 -10.98 6.88
CA ILE F 5 5.25 -11.26 6.19
C ILE F 5 4.62 -9.94 5.70
N SER F 6 4.35 -9.82 4.39
CA SER F 6 3.66 -8.68 3.83
C SER F 6 2.24 -8.55 4.40
N GLN F 7 1.82 -7.29 4.56
CA GLN F 7 0.50 -6.94 5.15
C GLN F 7 -0.38 -6.33 4.08
N THR F 8 -1.68 -6.41 4.37
CA THR F 8 -2.69 -5.86 3.48
C THR F 8 -3.84 -5.36 4.37
N VAL F 9 -4.56 -4.35 3.91
CA VAL F 9 -5.81 -3.89 4.56
C VAL F 9 -6.82 -5.06 4.54
N ILE F 10 -7.55 -5.23 5.64
CA ILE F 10 -8.56 -6.27 5.68
C ILE F 10 -9.76 -5.59 6.29
N VAL F 11 -10.92 -5.70 5.61
CA VAL F 11 -12.19 -5.17 6.16
C VAL F 11 -13.10 -6.37 6.43
N GLY F 12 -13.96 -6.17 7.42
CA GLY F 12 -14.84 -7.23 7.94
C GLY F 12 -14.42 -7.57 9.36
N PRO F 13 -14.99 -8.65 9.90
CA PRO F 13 -15.90 -9.56 9.24
C PRO F 13 -17.37 -9.08 9.34
N TRP F 14 -18.17 -9.56 8.37
CA TRP F 14 -19.64 -9.50 8.44
C TRP F 14 -20.18 -10.89 8.73
N GLY F 15 -21.16 -10.97 9.65
CA GLY F 15 -21.75 -12.26 9.98
C GLY F 15 -21.65 -12.51 11.49
N ALA F 16 -21.57 -13.79 11.86
CA ALA F 16 -21.43 -14.22 13.24
C ALA F 16 -20.18 -13.71 13.94
N LYS F 17 -20.27 -13.65 15.28
CA LYS F 17 -19.09 -13.61 16.16
C LYS F 17 -18.45 -12.23 16.15
N GLY G 1 -26.50 19.03 -1.96
CA GLY G 1 -25.49 19.37 -0.86
C GLY G 1 -24.17 19.75 -1.52
N LYS G 2 -23.27 20.24 -0.69
CA LYS G 2 -21.95 20.67 -1.09
C LYS G 2 -20.96 19.53 -0.84
N ALA G 3 -20.32 19.08 -1.93
CA ALA G 3 -19.28 18.02 -1.78
C ALA G 3 -18.07 18.53 -1.03
N PHE G 4 -17.46 17.63 -0.24
CA PHE G 4 -16.15 17.83 0.35
C PHE G 4 -15.24 16.62 0.14
N ASP G 5 -13.92 16.86 0.23
CA ASP G 5 -13.00 15.75 0.17
C ASP G 5 -11.75 16.16 0.85
N ASP G 6 -11.53 15.64 2.04
CA ASP G 6 -10.35 16.08 2.84
C ASP G 6 -9.09 15.50 2.29
N GLY G 7 -9.17 14.40 1.55
CA GLY G 7 -7.95 13.65 1.12
C GLY G 7 -7.45 12.75 2.21
N ALA G 8 -6.24 12.21 2.03
CA ALA G 8 -5.68 11.20 2.96
C ALA G 8 -4.53 11.76 3.78
N PHE G 9 -4.47 11.25 5.00
CA PHE G 9 -3.50 11.69 6.04
C PHE G 9 -2.81 10.53 6.70
N THR G 10 -2.15 10.73 7.86
CA THR G 10 -1.40 9.70 8.51
C THR G 10 -2.22 9.00 9.59
N GLY G 11 -3.37 9.58 9.93
CA GLY G 11 -4.13 9.02 11.05
C GLY G 11 -5.22 10.04 11.45
N ILE G 12 -5.92 9.73 12.52
CA ILE G 12 -7.03 10.55 12.93
C ILE G 12 -6.80 10.89 14.42
N ARG G 13 -6.90 12.17 14.73
CA ARG G 13 -6.78 12.64 16.13
C ARG G 13 -8.14 12.98 16.77
N GLU G 14 -9.08 13.58 16.03
CA GLU G 14 -10.36 13.93 16.68
C GLU G 14 -11.39 14.11 15.64
N ILE G 15 -12.65 13.78 15.95
CA ILE G 15 -13.73 14.08 14.99
C ILE G 15 -14.74 14.97 15.73
N ASN G 16 -15.11 16.08 15.09
CA ASN G 16 -16.17 16.95 15.62
C ASN G 16 -17.35 16.85 14.68
N LEU G 17 -18.43 16.28 15.14
CA LEU G 17 -19.65 16.25 14.30
C LEU G 17 -20.85 16.80 15.06
N SER G 18 -21.97 16.88 14.39
CA SER G 18 -23.19 17.29 15.09
C SER G 18 -24.35 16.50 14.55
N TYR G 19 -25.42 16.41 15.33
CA TYR G 19 -26.55 15.63 14.85
C TYR G 19 -27.81 16.18 15.51
N ASN G 20 -28.94 15.79 14.95
CA ASN G 20 -30.26 16.08 15.53
C ASN G 20 -31.06 14.79 15.45
N LYS G 21 -31.56 14.35 16.61
CA LYS G 21 -32.35 13.11 16.67
C LYS G 21 -33.66 13.13 15.90
N GLU G 22 -34.19 14.31 15.62
CA GLU G 22 -35.36 14.42 14.75
C GLU G 22 -34.98 14.16 13.30
N THR G 23 -33.71 14.34 12.95
CA THR G 23 -33.35 14.35 11.53
C THR G 23 -32.12 13.44 11.25
N ALA G 24 -30.94 14.06 11.17
CA ALA G 24 -29.75 13.32 10.72
C ALA G 24 -28.47 13.99 11.22
N ILE G 25 -27.31 13.46 10.80
CA ILE G 25 -25.98 14.11 10.99
C ILE G 25 -25.94 15.46 10.22
N GLY G 26 -25.38 16.49 10.85
CA GLY G 26 -25.23 17.82 10.33
C GLY G 26 -23.78 18.08 9.99
N ASP G 27 -23.06 18.72 10.91
CA ASP G 27 -21.68 19.14 10.63
C ASP G 27 -20.70 17.98 10.76
N PHE G 28 -19.57 18.10 10.04
CA PHE G 28 -18.54 17.07 10.15
C PHE G 28 -17.17 17.71 9.90
N GLN G 29 -16.25 17.55 10.83
CA GLN G 29 -14.89 18.07 10.73
C GLN G 29 -13.96 17.10 11.43
N VAL G 30 -12.71 17.03 10.97
CA VAL G 30 -11.79 16.07 11.50
C VAL G 30 -10.43 16.75 11.70
N VAL G 31 -9.86 16.56 12.88
CA VAL G 31 -8.40 16.81 13.02
C VAL G 31 -7.66 15.51 12.71
N TYR G 32 -6.88 15.52 11.61
CA TYR G 32 -6.12 14.40 11.24
C TYR G 32 -4.73 14.44 11.90
N ASP G 33 -4.01 13.35 11.80
CA ASP G 33 -2.57 13.40 12.05
C ASP G 33 -1.91 13.57 10.71
N LEU G 34 -0.94 14.49 10.63
CA LEU G 34 -0.08 14.57 9.40
C LEU G 34 1.37 14.43 9.87
N ASN G 35 1.94 13.26 9.65
CA ASN G 35 3.38 13.00 9.97
C ASN G 35 3.70 13.50 11.36
N GLY G 36 2.81 13.23 12.31
CA GLY G 36 3.16 13.51 13.68
C GLY G 36 2.51 14.74 14.24
N SER G 37 2.06 15.67 13.39
CA SER G 37 1.38 16.87 13.85
C SER G 37 -0.13 16.89 13.61
N PRO G 38 -0.88 17.59 14.46
CA PRO G 38 -2.35 17.77 14.14
C PRO G 38 -2.52 18.54 12.86
N TYR G 39 -3.44 18.10 11.99
CA TYR G 39 -3.86 18.80 10.84
C TYR G 39 -5.36 19.11 11.00
N VAL G 40 -5.69 20.38 11.08
CA VAL G 40 -7.09 20.76 11.35
C VAL G 40 -7.83 20.82 10.05
N GLY G 41 -8.62 19.77 9.81
CA GLY G 41 -9.42 19.79 8.58
C GLY G 41 -10.47 20.87 8.56
N GLN G 42 -10.88 21.30 7.34
CA GLN G 42 -12.00 22.23 7.16
C GLN G 42 -13.28 21.77 7.84
N ASN G 43 -14.03 22.70 8.42
CA ASN G 43 -15.32 22.34 9.01
C ASN G 43 -16.38 22.30 7.92
N HIS G 44 -16.92 21.10 7.64
CA HIS G 44 -17.96 20.98 6.58
C HIS G 44 -19.26 21.15 7.30
N LYS G 45 -19.93 22.27 7.09
CA LYS G 45 -21.07 22.61 7.96
C LYS G 45 -22.36 22.35 7.21
N SER G 46 -23.36 21.84 7.94
CA SER G 46 -24.74 21.88 7.42
C SER G 46 -25.13 23.29 7.00
N PHE G 47 -26.03 23.37 6.04
CA PHE G 47 -26.61 24.62 5.68
C PHE G 47 -27.51 25.24 6.80
N ILE G 48 -27.89 24.46 7.80
CA ILE G 48 -28.73 24.96 8.85
C ILE G 48 -28.06 24.72 10.19
N THR G 49 -28.79 25.07 11.25
CA THR G 49 -28.26 25.00 12.59
C THR G 49 -29.28 24.19 13.41
N GLY G 50 -29.09 24.11 14.73
CA GLY G 50 -30.00 23.31 15.58
C GLY G 50 -29.49 21.96 16.01
N PHE G 51 -28.20 21.70 15.71
CA PHE G 51 -27.61 20.42 15.96
C PHE G 51 -26.89 20.36 17.28
N THR G 52 -26.85 19.19 17.87
CA THR G 52 -26.08 18.92 19.07
C THR G 52 -24.63 18.58 18.65
N PRO G 53 -23.64 19.23 19.27
CA PRO G 53 -22.21 18.92 18.95
C PRO G 53 -21.64 17.71 19.67
N VAL G 54 -20.73 16.97 18.99
CA VAL G 54 -20.05 15.81 19.56
C VAL G 54 -18.61 16.01 19.21
N LYS G 55 -17.77 15.79 20.22
CA LYS G 55 -16.28 15.83 20.06
C LYS G 55 -15.71 14.48 20.43
N ILE G 56 -15.16 13.73 19.46
CA ILE G 56 -14.61 12.45 19.69
C ILE G 56 -13.10 12.67 19.69
N SER G 57 -12.46 12.68 20.86
CA SER G 57 -11.01 12.99 20.96
C SER G 57 -10.23 11.78 21.21
N LEU G 58 -9.46 11.31 20.21
CA LEU G 58 -8.81 10.03 20.34
C LEU G 58 -7.43 10.15 21.00
N ASP G 59 -7.05 9.13 21.78
CA ASP G 59 -5.73 9.02 22.42
C ASP G 59 -4.73 8.55 21.31
N PHE G 60 -4.46 9.45 20.37
CA PHE G 60 -3.62 9.11 19.20
C PHE G 60 -2.16 9.07 19.65
N PRO G 61 -1.36 8.13 19.13
CA PRO G 61 -1.63 7.01 18.22
C PRO G 61 -2.03 5.71 18.90
N SER G 62 -2.13 5.65 20.24
CA SER G 62 -2.56 4.45 20.93
C SER G 62 -3.95 3.97 20.53
N GLU G 63 -4.85 4.92 20.41
CA GLU G 63 -6.23 4.66 20.10
C GLU G 63 -6.52 4.95 18.63
N TYR G 64 -7.18 3.99 18.01
CA TYR G 64 -7.60 4.19 16.59
C TYR G 64 -8.92 3.48 16.37
N ILE G 65 -9.61 3.93 15.32
CA ILE G 65 -10.92 3.43 14.97
C ILE G 65 -10.81 2.06 14.32
N MET G 66 -11.62 1.12 14.83
CA MET G 66 -11.70 -0.22 14.31
C MET G 66 -13.02 -0.51 13.59
N GLU G 67 -14.04 0.32 13.80
CA GLU G 67 -15.30 0.08 13.07
C GLU G 67 -16.07 1.38 12.94
N VAL G 68 -16.62 1.66 11.77
CA VAL G 68 -17.48 2.79 11.57
C VAL G 68 -18.82 2.14 11.09
N SER G 69 -19.90 2.54 11.75
CA SER G 69 -21.22 1.97 11.38
C SER G 69 -22.24 3.10 11.45
N GLY G 70 -23.43 2.88 10.90
CA GLY G 70 -24.46 3.93 10.93
C GLY G 70 -25.69 3.49 10.16
N TYR G 71 -26.51 4.46 9.85
CA TYR G 71 -27.82 4.22 9.24
C TYR G 71 -28.02 5.24 8.22
N THR G 72 -28.53 4.83 7.04
CA THR G 72 -28.97 5.86 6.11
C THR G 72 -30.48 5.77 5.91
N GLY G 73 -31.11 6.86 5.60
CA GLY G 73 -32.56 6.80 5.40
C GLY G 73 -33.10 8.10 4.88
N ASN G 74 -34.40 8.07 4.59
CA ASN G 74 -35.05 9.23 4.08
C ASN G 74 -35.44 10.17 5.21
N VAL G 75 -34.99 11.40 5.11
CA VAL G 75 -35.43 12.54 5.95
C VAL G 75 -35.99 13.62 5.01
N SER G 76 -37.29 13.88 5.15
CA SER G 76 -37.96 14.91 4.39
C SER G 76 -37.73 14.76 2.91
N GLY G 77 -37.79 13.51 2.44
CA GLY G 77 -37.62 13.23 1.01
C GLY G 77 -36.18 13.06 0.53
N TYR G 78 -35.19 13.19 1.44
CA TYR G 78 -33.77 13.08 1.04
C TYR G 78 -33.12 11.93 1.73
N VAL G 79 -32.33 11.17 0.96
CA VAL G 79 -31.56 10.06 1.54
C VAL G 79 -30.32 10.67 2.16
N VAL G 80 -30.13 10.46 3.45
CA VAL G 80 -29.05 11.08 4.21
C VAL G 80 -28.50 10.08 5.22
N VAL G 81 -27.32 10.41 5.81
CA VAL G 81 -26.79 9.61 6.89
C VAL G 81 -27.41 10.05 8.21
N ARG G 82 -28.24 9.18 8.74
CA ARG G 82 -29.02 9.51 9.94
C ARG G 82 -28.29 9.31 11.28
N SER G 83 -27.32 8.40 11.29
CA SER G 83 -26.64 8.08 12.53
C SER G 83 -25.25 7.58 12.19
N LEU G 84 -24.32 7.78 13.12
CA LEU G 84 -22.94 7.28 13.03
C LEU G 84 -22.49 6.74 14.37
N THR G 85 -21.67 5.70 14.35
CA THR G 85 -21.00 5.16 15.48
C THR G 85 -19.53 4.94 15.13
N PHE G 86 -18.60 5.31 16.02
CA PHE G 86 -17.16 5.00 15.82
C PHE G 86 -16.65 4.14 16.95
N LYS G 87 -16.27 2.91 16.64
CA LYS G 87 -15.70 2.05 17.68
C LYS G 87 -14.18 2.10 17.53
N THR G 88 -13.44 2.32 18.64
CA THR G 88 -11.98 2.19 18.61
C THR G 88 -11.54 0.95 19.37
N ASN G 89 -10.22 0.71 19.42
CA ASN G 89 -9.71 -0.34 20.24
C ASN G 89 -9.89 -0.03 21.74
N LYS G 90 -10.40 1.15 22.09
CA LYS G 90 -10.56 1.49 23.51
C LYS G 90 -12.00 1.55 23.96
N LYS G 91 -12.91 2.04 23.10
CA LYS G 91 -14.32 2.12 23.48
C LYS G 91 -15.13 2.49 22.24
N THR G 92 -16.41 2.66 22.46
CA THR G 92 -17.39 3.04 21.41
C THR G 92 -17.88 4.44 21.64
N TYR G 93 -17.95 5.20 20.55
CA TYR G 93 -18.46 6.55 20.53
C TYR G 93 -19.73 6.53 19.65
N GLY G 94 -20.91 6.77 20.26
CA GLY G 94 -22.21 6.78 19.55
C GLY G 94 -23.03 5.59 20.05
N PRO G 95 -24.15 5.31 19.38
CA PRO G 95 -24.56 6.05 18.15
C PRO G 95 -24.93 7.51 18.37
N TYR G 96 -24.61 8.31 17.36
CA TYR G 96 -25.04 9.69 17.29
C TYR G 96 -26.11 9.85 16.24
N GLY G 97 -27.33 10.19 16.66
CA GLY G 97 -28.37 10.29 15.68
C GLY G 97 -29.22 9.03 15.75
N VAL G 98 -30.43 9.11 15.21
CA VAL G 98 -31.34 7.98 15.41
C VAL G 98 -30.99 6.81 14.52
N THR G 99 -31.09 5.68 15.13
CA THR G 99 -30.70 4.42 14.56
C THR G 99 -31.88 3.78 13.87
N SER G 100 -32.22 4.44 12.77
CA SER G 100 -33.38 4.11 11.92
C SER G 100 -33.02 4.21 10.48
N GLY G 101 -33.45 3.23 9.72
CA GLY G 101 -33.26 3.22 8.27
C GLY G 101 -32.45 2.01 7.88
N THR G 102 -31.55 2.13 6.91
CA THR G 102 -30.87 0.98 6.44
C THR G 102 -29.49 0.98 7.10
N PRO G 103 -29.12 -0.05 7.86
CA PRO G 103 -27.76 -0.05 8.48
C PRO G 103 -26.65 -0.21 7.49
N PHE G 104 -25.47 0.29 7.87
CA PHE G 104 -24.24 -0.10 7.20
C PHE G 104 -23.18 -0.21 8.27
N ASN G 105 -22.12 -0.92 7.91
CA ASN G 105 -20.99 -1.04 8.84
C ASN G 105 -19.70 -1.46 8.17
N LEU G 106 -18.61 -0.80 8.56
CA LEU G 106 -17.30 -1.12 8.06
C LEU G 106 -16.38 -1.45 9.25
N PRO G 107 -16.29 -2.74 9.63
CA PRO G 107 -15.22 -3.14 10.51
C PRO G 107 -13.91 -3.25 9.80
N ILE G 108 -12.84 -2.98 10.53
CA ILE G 108 -11.49 -3.04 9.93
C ILE G 108 -10.73 -4.04 10.74
N GLU G 109 -10.26 -5.13 10.12
CA GLU G 109 -9.45 -6.12 10.80
C GLU G 109 -8.00 -5.70 10.79
N ASN G 110 -7.55 -5.06 9.69
CA ASN G 110 -6.19 -4.59 9.57
C ASN G 110 -6.17 -3.36 8.69
N GLY G 111 -5.53 -2.33 9.21
CA GLY G 111 -5.51 -1.06 8.52
C GLY G 111 -6.15 0.08 9.31
N LEU G 112 -6.15 1.25 8.69
CA LEU G 112 -6.55 2.53 9.30
C LEU G 112 -7.39 3.36 8.39
N ILE G 113 -8.41 4.00 8.95
CA ILE G 113 -9.11 5.11 8.24
C ILE G 113 -8.15 6.32 8.29
N VAL G 114 -7.86 6.86 7.12
CA VAL G 114 -6.97 8.04 7.05
C VAL G 114 -7.54 9.28 6.33
N GLY G 115 -8.87 9.29 6.10
CA GLY G 115 -9.47 10.42 5.44
C GLY G 115 -10.96 10.25 5.17
N PHE G 116 -11.63 11.36 4.94
CA PHE G 116 -13.08 11.37 4.71
C PHE G 116 -13.38 12.21 3.54
N LYS G 117 -14.43 11.82 2.77
CA LYS G 117 -14.96 12.71 1.73
C LYS G 117 -16.48 12.51 1.75
N GLY G 118 -17.24 13.38 1.11
CA GLY G 118 -18.70 13.27 1.23
C GLY G 118 -19.39 14.48 0.70
N SER G 119 -20.58 14.72 1.18
CA SER G 119 -21.41 15.91 0.72
C SER G 119 -22.37 16.17 1.87
N ILE G 120 -22.51 17.45 2.20
CA ILE G 120 -23.41 17.91 3.25
C ILE G 120 -24.29 19.02 2.70
N GLY G 121 -25.60 18.84 2.88
CA GLY G 121 -26.66 19.85 2.46
C GLY G 121 -27.24 20.35 3.80
N TYR G 122 -28.53 20.14 4.04
CA TYR G 122 -28.99 20.30 5.42
C TYR G 122 -28.35 19.22 6.29
N TRP G 123 -28.06 18.04 5.70
CA TRP G 123 -27.58 16.89 6.49
C TRP G 123 -26.47 16.26 5.69
N LEU G 124 -25.75 15.33 6.32
CA LEU G 124 -24.68 14.57 5.63
C LEU G 124 -25.36 13.65 4.61
N ASP G 125 -25.18 13.94 3.33
CA ASP G 125 -25.87 13.20 2.26
C ASP G 125 -25.24 11.86 2.03
N TYR G 126 -23.90 11.83 2.00
CA TYR G 126 -23.21 10.56 1.80
C TYR G 126 -21.76 10.81 2.29
N PHE G 127 -21.05 9.72 2.53
CA PHE G 127 -19.60 9.81 2.77
C PHE G 127 -18.87 8.58 2.33
N SER G 128 -17.54 8.74 2.12
CA SER G 128 -16.63 7.66 1.90
C SER G 128 -15.39 7.79 2.80
N MET G 129 -14.59 6.74 2.89
CA MET G 129 -13.42 6.73 3.77
C MET G 129 -12.22 6.30 2.98
N TYR G 130 -11.09 6.96 3.24
CA TYR G 130 -9.77 6.50 2.72
C TYR G 130 -9.22 5.51 3.74
N LEU G 131 -8.69 4.38 3.23
CA LEU G 131 -8.09 3.32 4.08
C LEU G 131 -6.66 3.20 3.71
N SER G 132 -5.80 2.93 4.69
CA SER G 132 -4.40 2.62 4.33
C SER G 132 -3.79 1.74 5.36
N LEU G 133 -2.66 1.10 5.05
CA LEU G 133 -1.80 0.64 6.11
C LEU G 133 -1.00 1.81 6.73
N SER H 3 0.75 9.44 -13.43
CA SER H 3 0.73 10.78 -12.76
C SER H 3 1.52 10.78 -11.46
N GLY H 4 1.75 11.98 -10.97
CA GLY H 4 2.63 12.17 -9.81
C GLY H 4 1.82 12.15 -8.53
N ILE H 5 0.56 11.69 -8.62
CA ILE H 5 -0.30 11.72 -7.45
C ILE H 5 -0.44 10.32 -6.79
N SER H 6 -0.08 10.25 -5.50
CA SER H 6 -0.18 9.01 -4.77
C SER H 6 -1.68 8.61 -4.63
N GLN H 7 -1.92 7.31 -4.58
CA GLN H 7 -3.31 6.71 -4.56
C GLN H 7 -3.50 6.00 -3.24
N THR H 8 -4.77 5.95 -2.81
CA THR H 8 -5.14 5.29 -1.57
C THR H 8 -6.46 4.54 -1.88
N VAL H 9 -6.68 3.45 -1.14
CA VAL H 9 -7.98 2.77 -1.15
C VAL H 9 -9.05 3.71 -0.65
N ILE H 10 -10.22 3.68 -1.29
CA ILE H 10 -11.34 4.40 -0.71
C ILE H 10 -12.57 3.47 -0.77
N VAL H 11 -13.25 3.40 0.35
CA VAL H 11 -14.46 2.62 0.41
C VAL H 11 -15.65 3.53 0.67
N GLY H 12 -16.79 3.11 0.12
CA GLY H 12 -17.99 3.99 0.14
C GLY H 12 -18.35 4.34 -1.31
N PRO H 13 -19.35 5.20 -1.51
CA PRO H 13 -20.03 5.98 -0.52
C PRO H 13 -21.22 5.24 0.10
N TRP H 14 -21.56 5.65 1.30
CA TRP H 14 -22.82 5.28 1.95
C TRP H 14 -23.69 6.49 2.08
N GLY H 15 -24.97 6.35 1.75
CA GLY H 15 -25.90 7.45 1.78
C GLY H 15 -26.62 7.65 0.44
N ALA H 16 -26.93 8.90 0.10
CA ALA H 16 -27.53 9.27 -1.23
C ALA H 16 -26.61 8.99 -2.42
N LYS H 17 -27.22 8.82 -3.61
CA LYS H 17 -26.49 8.90 -4.90
C LYS H 17 -25.71 10.22 -5.11
#